data_4RWM
#
_entry.id   4RWM
#
_cell.length_a   130.290
_cell.length_b   130.290
_cell.length_c   130.290
_cell.angle_alpha   90.00
_cell.angle_beta   90.00
_cell.angle_gamma   90.00
#
_symmetry.space_group_name_H-M   'P 21 3'
#
loop_
_entity.id
_entity.type
_entity.pdbx_description
1 polymer 'Similar to hydroxylamine oxidoreductase hao'
2 non-polymer 'PHOSPHATE ION'
3 non-polymer 1,2-ETHANEDIOL
4 non-polymer 1-[(4-cyclohexylbutanoyl)(2-hydroxyethyl)amino]-1-deoxy-D-glucitol
5 non-polymer 'HEME C'
6 water water
#
_entity_poly.entity_id   1
_entity_poly.type   'polypeptide(L)'
_entity_poly.pdbx_seq_one_letter_code
;EGPTFQDVASQVFGQPVGPDNDGTLYIFGLTAKYTEPEYVDGRGPYKSFLKMLPSIRWYDPEHYWTNGSQTEGVFKNEEC
VLCHTVQTPTIVNDWKQSSHGSKDIRRGIGIKKDGKPVEDLVGCADCHGNNHQKLEMPTYKLCNDCHPKETAEHRAGGLG
SHTHAYTVNVLEFSWHVGKPAEEVTGCAHCHAIAENRCSGCHTRHKFDPAEARKPTACRVCHMGIDHDEWAMYNTSIHGA
LYEAESARMDWGKKLKKGNYRVPTCAYCHMQNGDHNPQRFGTIYSDMGMFQVDRGAPKHKAKRDSWIKLCQDCHSPRFAA
DKLKEMDAGVNLSFTKWREAAAVIVGCYLDGVVDPMPEGSAPDWYGHYTFSLLPGGDPRFYATSNLERLGLEMICYLTGN
VYKAYAHMSMYNQTYGNGSAFEQDRKLVEIKTEAAKLRRFAAIEKKIGLEHKSADFWKHGEYLDLLPGWKRKPGDVDVEW
FKRTDIPHRANADAGVEIHH
;
_entity_poly.pdbx_strand_id   A
#
# COMPACT_ATOMS: atom_id res chain seq x y z
N GLY A 2 33.70 -11.80 22.52
CA GLY A 2 34.30 -12.48 21.35
C GLY A 2 34.05 -11.72 20.06
N PRO A 3 34.65 -12.15 18.94
CA PRO A 3 34.48 -11.44 17.69
C PRO A 3 33.08 -11.56 17.09
N THR A 4 32.55 -10.46 16.58
CA THR A 4 31.32 -10.45 15.80
C THR A 4 31.64 -10.84 14.36
N PHE A 5 30.61 -11.00 13.54
CA PHE A 5 30.78 -11.22 12.11
C PHE A 5 31.69 -10.13 11.52
N GLN A 6 31.41 -8.87 11.88
CA GLN A 6 32.18 -7.72 11.39
C GLN A 6 33.65 -7.83 11.77
N ASP A 7 33.91 -8.24 13.01
CA ASP A 7 35.29 -8.39 13.51
C ASP A 7 36.06 -9.42 12.70
N VAL A 8 35.43 -10.55 12.43
CA VAL A 8 36.06 -11.62 11.65
C VAL A 8 36.31 -11.17 10.21
N ALA A 9 35.29 -10.58 9.59
CA ALA A 9 35.42 -10.06 8.22
C ALA A 9 36.55 -9.05 8.14
N SER A 10 36.66 -8.19 9.15
CA SER A 10 37.70 -7.17 9.20
C SER A 10 39.10 -7.78 9.16
N GLN A 11 39.26 -8.89 9.87
CA GLN A 11 40.55 -9.57 9.97
C GLN A 11 40.92 -10.27 8.68
N VAL A 12 39.92 -10.65 7.89
CA VAL A 12 40.13 -11.34 6.62
C VAL A 12 40.32 -10.37 5.44
N PHE A 13 39.58 -9.26 5.43
CA PHE A 13 39.65 -8.29 4.32
C PHE A 13 40.59 -7.11 4.54
N GLY A 14 41.02 -6.89 5.78
CA GLY A 14 41.92 -5.78 6.10
C GLY A 14 41.25 -4.43 6.07
N GLN A 15 39.94 -4.41 6.30
CA GLN A 15 39.20 -3.16 6.46
C GLN A 15 38.70 -3.09 7.90
N PRO A 16 38.99 -1.98 8.60
CA PRO A 16 38.52 -1.88 9.99
C PRO A 16 37.01 -1.94 10.15
N VAL A 17 36.57 -2.44 11.29
CA VAL A 17 35.16 -2.36 11.67
C VAL A 17 34.82 -0.89 11.92
N GLY A 18 33.62 -0.49 11.57
CA GLY A 18 33.18 0.88 11.84
C GLY A 18 31.67 1.03 11.72
N PRO A 19 31.17 2.20 12.12
CA PRO A 19 29.73 2.47 12.00
C PRO A 19 29.32 2.62 10.55
N ASP A 20 28.17 2.07 10.20
CA ASP A 20 27.68 2.15 8.82
C ASP A 20 27.57 3.59 8.30
N ASN A 21 27.33 4.55 9.19
CA ASN A 21 27.02 5.92 8.78
C ASN A 21 28.21 6.89 8.69
N ASP A 22 29.45 6.40 8.81
CA ASP A 22 30.60 7.32 8.83
C ASP A 22 31.16 7.69 7.44
N GLY A 23 30.60 7.11 6.38
CA GLY A 23 30.99 7.47 5.01
C GLY A 23 32.01 6.54 4.37
N THR A 24 32.56 5.62 5.16
CA THR A 24 33.47 4.60 4.66
C THR A 24 32.75 3.76 3.61
N LEU A 25 33.47 3.40 2.55
CA LEU A 25 32.99 2.47 1.55
C LEU A 25 33.35 1.05 2.02
N TYR A 26 32.36 0.37 2.60
CA TYR A 26 32.56 -0.95 3.19
C TYR A 26 32.45 -2.06 2.13
N ILE A 27 33.53 -2.83 2.00
CA ILE A 27 33.61 -3.93 1.03
C ILE A 27 32.52 -4.95 1.34
N PHE A 28 31.57 -5.08 0.41
CA PHE A 28 30.37 -5.92 0.55
C PHE A 28 29.58 -5.68 1.85
N GLY A 29 29.75 -4.48 2.42
CA GLY A 29 29.15 -4.14 3.70
C GLY A 29 29.50 -5.05 4.87
N LEU A 30 30.61 -5.78 4.76
CA LEU A 30 30.90 -6.85 5.73
C LEU A 30 31.36 -6.38 7.10
N THR A 31 32.09 -5.27 7.18
CA THR A 31 32.63 -4.80 8.47
C THR A 31 31.89 -3.61 9.05
N ALA A 32 30.75 -3.25 8.46
CA ALA A 32 29.95 -2.13 8.95
C ALA A 32 28.99 -2.58 10.05
N LYS A 33 28.87 -1.75 11.08
CA LYS A 33 27.95 -1.99 12.18
C LYS A 33 26.69 -1.16 11.98
N TYR A 34 25.53 -1.76 12.21
CA TYR A 34 24.26 -1.05 12.08
C TYR A 34 24.13 0.01 13.15
N THR A 35 23.71 1.21 12.75
CA THR A 35 23.36 2.26 13.69
C THR A 35 21.90 2.64 13.48
N GLU A 36 21.24 2.97 14.58
CA GLU A 36 19.86 3.36 14.53
C GLU A 36 19.78 4.79 14.00
N PRO A 37 19.00 5.03 12.93
CA PRO A 37 18.77 6.41 12.49
C PRO A 37 18.03 7.22 13.54
N GLU A 38 18.10 8.54 13.43
CA GLU A 38 17.28 9.42 14.24
C GLU A 38 15.82 9.17 13.87
N TYR A 39 14.98 8.97 14.89
CA TYR A 39 13.56 8.74 14.72
C TYR A 39 12.73 9.84 15.37
N VAL A 40 11.47 9.90 14.96
CA VAL A 40 10.42 10.55 15.76
C VAL A 40 9.41 9.48 16.15
N ASP A 41 8.56 9.77 17.14
CA ASP A 41 7.57 8.79 17.58
C ASP A 41 6.47 8.66 16.54
N GLY A 42 6.06 7.43 16.28
CA GLY A 42 4.90 7.17 15.42
C GLY A 42 3.61 7.37 16.17
N ARG A 43 2.52 7.51 15.42
CA ARG A 43 1.19 7.68 15.98
C ARG A 43 0.45 6.35 16.00
N GLY A 44 -0.78 6.37 16.51
CA GLY A 44 -1.65 5.21 16.44
C GLY A 44 -1.59 4.35 17.67
N PRO A 45 -2.21 3.15 17.61
CA PRO A 45 -2.32 2.30 18.79
C PRO A 45 -1.00 1.74 19.30
N TYR A 46 0.03 1.70 18.45
CA TYR A 46 1.33 1.16 18.83
C TYR A 46 2.37 2.26 19.05
N LYS A 47 1.88 3.46 19.35
CA LYS A 47 2.72 4.64 19.61
C LYS A 47 3.76 4.46 20.72
N SER A 48 3.60 3.45 21.58
CA SER A 48 4.59 3.20 22.63
C SER A 48 5.94 2.77 22.07
N PHE A 49 5.93 2.16 20.88
CA PHE A 49 7.19 1.72 20.25
C PHE A 49 7.32 2.07 18.76
N LEU A 50 6.22 2.39 18.08
CA LEU A 50 6.29 2.74 16.66
C LEU A 50 7.10 4.01 16.45
N LYS A 51 7.98 3.97 15.44
CA LYS A 51 8.80 5.12 15.07
C LYS A 51 8.57 5.49 13.61
N MET A 52 8.99 6.70 13.26
CA MET A 52 9.01 7.19 11.89
C MET A 52 10.32 7.92 11.68
N LEU A 53 10.80 7.98 10.44
CA LEU A 53 11.88 8.90 10.12
C LEU A 53 11.32 10.33 10.15
N PRO A 54 12.17 11.33 10.47
CA PRO A 54 11.68 12.71 10.60
C PRO A 54 11.00 13.23 9.34
N SER A 55 11.32 12.63 8.18
CA SER A 55 10.72 13.04 6.92
C SER A 55 9.22 12.80 6.81
N ILE A 56 8.63 12.14 7.82
CA ILE A 56 7.18 12.03 7.93
C ILE A 56 6.52 13.42 7.99
N ARG A 57 7.30 14.46 8.29
CA ARG A 57 6.83 15.84 8.29
C ARG A 57 6.05 16.24 7.02
N TRP A 58 6.41 15.70 5.87
CA TRP A 58 5.78 16.08 4.61
C TRP A 58 4.43 15.41 4.40
N TYR A 59 4.23 14.27 5.07
CA TYR A 59 3.11 13.36 4.76
C TYR A 59 2.04 13.32 5.84
N ASP A 60 2.41 13.62 7.08
CA ASP A 60 1.47 13.83 8.18
C ASP A 60 1.81 15.18 8.82
N PRO A 61 1.70 16.26 8.03
CA PRO A 61 2.18 17.57 8.50
C PRO A 61 1.43 18.12 9.71
N GLU A 62 0.15 17.78 9.87
CA GLU A 62 -0.61 18.25 11.03
C GLU A 62 0.04 17.84 12.34
N HIS A 63 0.68 16.68 12.35
CA HIS A 63 1.31 16.16 13.57
C HIS A 63 2.83 16.30 13.64
N TYR A 64 3.49 16.57 12.51
CA TYR A 64 4.96 16.59 12.47
C TYR A 64 5.63 17.81 11.81
N TRP A 65 4.87 18.63 11.10
CA TRP A 65 5.46 19.75 10.35
C TRP A 65 5.99 20.82 11.31
N THR A 66 7.20 21.28 11.04
CA THR A 66 7.79 22.41 11.75
C THR A 66 8.54 23.28 10.75
N ASN A 67 8.77 24.54 11.14
CA ASN A 67 9.59 25.45 10.35
C ASN A 67 10.99 24.87 10.22
N GLY A 68 11.50 24.81 8.99
CA GLY A 68 12.89 24.44 8.73
C GLY A 68 13.51 25.24 7.61
N SER A 69 13.01 26.45 7.39
CA SER A 69 13.50 27.33 6.34
C SER A 69 14.56 28.29 6.89
N GLN A 70 15.48 28.71 6.03
CA GLN A 70 16.51 29.69 6.38
C GLN A 70 16.17 31.10 5.87
N THR A 71 15.11 31.20 5.08
CA THR A 71 14.70 32.47 4.47
C THR A 71 13.70 33.16 5.38
N GLU A 72 13.93 34.44 5.67
CA GLU A 72 13.05 35.23 6.54
C GLU A 72 12.34 36.33 5.78
N GLY A 73 11.11 36.64 6.21
CA GLY A 73 10.33 37.72 5.63
C GLY A 73 8.86 37.39 5.54
N VAL A 74 8.04 38.43 5.46
CA VAL A 74 6.61 38.30 5.17
C VAL A 74 6.41 38.87 3.76
N PHE A 75 5.90 38.04 2.87
CA PHE A 75 5.88 38.37 1.44
C PHE A 75 4.49 38.32 0.82
N LYS A 76 4.32 39.08 -0.25
CA LYS A 76 3.10 39.05 -1.07
C LYS A 76 3.26 37.95 -2.10
N ASN A 77 2.13 37.42 -2.59
CA ASN A 77 2.12 36.37 -3.63
C ASN A 77 3.11 36.60 -4.78
N GLU A 78 3.12 37.82 -5.30
CA GLU A 78 3.98 38.18 -6.43
C GLU A 78 5.47 38.01 -6.07
N GLU A 79 5.81 38.30 -4.82
CA GLU A 79 7.18 38.17 -4.34
C GLU A 79 7.60 36.70 -4.22
N CYS A 80 6.69 35.85 -3.74
CA CYS A 80 6.91 34.39 -3.75
C CYS A 80 7.34 33.95 -5.15
N VAL A 81 6.57 34.36 -6.16
CA VAL A 81 6.80 33.96 -7.54
C VAL A 81 8.14 34.47 -8.09
N LEU A 82 8.45 35.73 -7.83
CA LEU A 82 9.69 36.32 -8.36
C LEU A 82 10.92 35.57 -7.87
N CYS A 83 10.98 35.28 -6.59
CA CYS A 83 12.15 34.62 -6.03
C CYS A 83 12.20 33.14 -6.41
N HIS A 84 11.07 32.45 -6.31
CA HIS A 84 11.01 31.02 -6.64
C HIS A 84 11.16 30.73 -8.13
N THR A 85 10.98 31.74 -8.98
CA THR A 85 11.33 31.63 -10.39
C THR A 85 12.80 31.27 -10.53
N VAL A 86 13.63 31.87 -9.68
CA VAL A 86 15.06 31.57 -9.63
C VAL A 86 15.33 30.31 -8.80
N GLN A 87 14.69 30.22 -7.63
CA GLN A 87 15.09 29.23 -6.61
C GLN A 87 14.50 27.82 -6.78
N THR A 88 13.28 27.73 -7.30
CA THR A 88 12.64 26.43 -7.60
C THR A 88 11.81 26.58 -8.89
N PRO A 89 12.48 26.76 -10.04
CA PRO A 89 11.80 27.23 -11.24
C PRO A 89 10.58 26.40 -11.67
N THR A 90 10.68 25.08 -11.59
CA THR A 90 9.59 24.22 -12.08
C THR A 90 8.30 24.36 -11.27
N ILE A 91 8.43 24.63 -9.97
CA ILE A 91 7.25 24.87 -9.14
C ILE A 91 6.48 26.08 -9.68
N VAL A 92 7.19 27.15 -10.01
CA VAL A 92 6.56 28.34 -10.58
C VAL A 92 5.98 28.06 -11.96
N ASN A 93 6.71 27.34 -12.79
CA ASN A 93 6.24 26.98 -14.14
C ASN A 93 4.96 26.16 -14.08
N ASP A 94 4.94 25.16 -13.18
CA ASP A 94 3.74 24.37 -12.92
C ASP A 94 2.56 25.25 -12.51
N TRP A 95 2.80 26.10 -11.52
CA TRP A 95 1.77 26.97 -10.98
C TRP A 95 1.22 27.94 -12.05
N LYS A 96 2.11 28.47 -12.89
CA LYS A 96 1.70 29.37 -13.97
C LYS A 96 0.86 28.66 -15.04
N GLN A 97 1.01 27.34 -15.12
CA GLN A 97 0.25 26.52 -16.06
C GLN A 97 -0.97 25.87 -15.39
N SER A 98 -1.29 26.29 -14.16
CA SER A 98 -2.47 25.80 -13.44
C SER A 98 -3.55 26.86 -13.43
N SER A 99 -4.79 26.42 -13.22
CA SER A 99 -5.92 27.35 -13.07
C SER A 99 -5.77 28.27 -11.86
N HIS A 100 -5.09 27.79 -10.82
CA HIS A 100 -4.81 28.61 -9.65
C HIS A 100 -4.00 29.85 -10.05
N GLY A 101 -3.02 29.65 -10.93
CA GLY A 101 -2.10 30.72 -11.32
C GLY A 101 -2.36 31.34 -12.68
N SER A 102 -3.41 30.90 -13.38
CA SER A 102 -3.73 31.41 -14.70
C SER A 102 -5.25 31.46 -14.95
N LYS A 103 -5.79 32.67 -15.04
CA LYS A 103 -7.21 32.85 -15.30
C LYS A 103 -7.64 32.37 -16.69
N ASP A 104 -6.72 32.46 -17.65
CA ASP A 104 -7.02 32.08 -19.03
C ASP A 104 -7.47 30.63 -19.22
N ILE A 105 -7.05 29.73 -18.34
CA ILE A 105 -7.46 28.34 -18.47
C ILE A 105 -8.60 27.95 -17.51
N ARG A 106 -9.10 28.92 -16.74
CA ARG A 106 -10.24 28.64 -15.85
C ARG A 106 -11.50 28.34 -16.65
N ARG A 107 -12.40 27.58 -16.03
CA ARG A 107 -13.62 27.10 -16.69
C ARG A 107 -14.90 27.68 -16.08
N GLY A 108 -14.76 28.62 -15.17
CA GLY A 108 -15.90 29.26 -14.51
C GLY A 108 -16.72 28.29 -13.66
N ILE A 109 -16.02 27.43 -12.92
CA ILE A 109 -16.66 26.36 -12.14
C ILE A 109 -17.59 26.91 -11.05
N GLY A 110 -17.24 28.08 -10.51
CA GLY A 110 -17.99 28.71 -9.42
C GLY A 110 -17.35 28.51 -8.06
N ILE A 111 -16.02 28.40 -8.01
CA ILE A 111 -15.28 28.18 -6.76
C ILE A 111 -15.50 29.30 -5.76
N LYS A 112 -15.77 28.93 -4.50
CA LYS A 112 -16.01 29.88 -3.42
C LYS A 112 -15.18 29.54 -2.20
N LYS A 113 -14.81 30.59 -1.46
CA LYS A 113 -14.20 30.46 -0.13
C LYS A 113 -15.01 31.33 0.83
N ASP A 114 -15.43 30.75 1.95
CA ASP A 114 -16.27 31.47 2.92
C ASP A 114 -17.48 32.13 2.25
N GLY A 115 -18.10 31.39 1.34
CA GLY A 115 -19.31 31.85 0.65
C GLY A 115 -19.11 32.89 -0.44
N LYS A 116 -17.86 33.31 -0.68
CA LYS A 116 -17.57 34.36 -1.66
C LYS A 116 -16.77 33.80 -2.84
N PRO A 117 -17.04 34.30 -4.06
CA PRO A 117 -16.36 33.74 -5.23
C PRO A 117 -14.86 34.01 -5.22
N VAL A 118 -14.08 33.01 -5.61
CA VAL A 118 -12.63 33.16 -5.74
C VAL A 118 -12.32 33.61 -7.16
N GLU A 119 -12.06 34.91 -7.30
CA GLU A 119 -11.84 35.51 -8.63
C GLU A 119 -10.38 35.88 -8.88
N ASP A 120 -9.58 35.96 -7.82
CA ASP A 120 -8.15 36.28 -7.94
C ASP A 120 -7.35 35.01 -8.24
N LEU A 121 -6.06 35.19 -8.52
CA LEU A 121 -5.13 34.07 -8.54
C LEU A 121 -5.06 33.46 -7.15
N VAL A 122 -4.87 32.15 -7.09
CA VAL A 122 -4.60 31.45 -5.84
C VAL A 122 -3.10 31.18 -5.87
N GLY A 123 -2.35 32.00 -5.11
CA GLY A 123 -0.89 32.04 -5.19
C GLY A 123 -0.21 31.21 -4.13
N CYS A 124 1.12 31.20 -4.16
CA CYS A 124 1.92 30.42 -3.20
C CYS A 124 1.50 30.71 -1.76
N ALA A 125 1.30 31.99 -1.45
CA ALA A 125 0.99 32.42 -0.09
C ALA A 125 -0.41 32.01 0.36
N ASP A 126 -1.32 31.90 -0.60
CA ASP A 126 -2.70 31.49 -0.31
C ASP A 126 -2.76 30.04 0.18
N CYS A 127 -1.82 29.21 -0.26
CA CYS A 127 -1.74 27.82 0.17
C CYS A 127 -0.69 27.56 1.25
N HIS A 128 0.40 28.33 1.26
CA HIS A 128 1.53 28.05 2.16
C HIS A 128 1.72 29.08 3.28
N GLY A 129 0.99 30.19 3.22
CA GLY A 129 1.16 31.29 4.18
C GLY A 129 2.13 32.35 3.69
N ASN A 130 2.12 33.52 4.33
CA ASN A 130 2.90 34.69 3.89
C ASN A 130 4.25 34.85 4.60
N ASN A 131 4.39 34.23 5.76
CA ASN A 131 5.59 34.34 6.59
C ASN A 131 6.52 33.16 6.33
N HIS A 132 7.71 33.44 5.81
CA HIS A 132 8.62 32.37 5.36
C HIS A 132 9.21 31.56 6.53
N GLN A 133 9.02 32.04 7.75
CA GLN A 133 9.42 31.28 8.94
C GLN A 133 8.23 30.55 9.59
N LYS A 134 7.05 30.69 8.99
CA LYS A 134 5.85 30.00 9.45
C LYS A 134 5.09 29.41 8.27
N LEU A 135 5.83 28.79 7.34
CA LEU A 135 5.21 28.21 6.16
C LEU A 135 4.42 26.97 6.51
N GLU A 136 3.36 26.73 5.76
CA GLU A 136 2.43 25.66 6.00
C GLU A 136 2.58 24.60 4.93
N MET A 137 2.49 23.33 5.34
CA MET A 137 2.54 22.22 4.41
C MET A 137 1.16 21.55 4.47
N PRO A 138 0.33 21.76 3.42
CA PRO A 138 -1.09 21.42 3.52
C PRO A 138 -1.46 19.95 3.39
N THR A 139 -2.70 19.65 3.75
CA THR A 139 -3.36 18.38 3.46
C THR A 139 -4.65 18.72 2.72
N TYR A 140 -5.54 17.73 2.56
CA TYR A 140 -6.87 17.99 1.97
C TYR A 140 -7.66 19.07 2.75
N LYS A 141 -7.31 19.32 4.01
CA LYS A 141 -8.01 20.33 4.81
C LYS A 141 -7.97 21.71 4.14
N LEU A 142 -6.82 22.06 3.57
CA LEU A 142 -6.71 23.31 2.80
C LEU A 142 -7.62 23.30 1.59
N CYS A 143 -7.54 22.25 0.80
CA CYS A 143 -8.31 22.17 -0.45
C CYS A 143 -9.80 22.25 -0.17
N ASN A 144 -10.23 21.73 0.98
CA ASN A 144 -11.64 21.77 1.37
C ASN A 144 -12.21 23.20 1.42
N ASP A 145 -11.35 24.18 1.71
CA ASP A 145 -11.77 25.59 1.75
C ASP A 145 -12.45 26.03 0.45
N CYS A 146 -12.00 25.49 -0.68
CA CYS A 146 -12.53 25.88 -1.99
C CYS A 146 -13.10 24.74 -2.83
N HIS A 147 -12.80 23.49 -2.46
CA HIS A 147 -13.27 22.31 -3.20
C HIS A 147 -13.94 21.32 -2.24
N PRO A 148 -15.05 21.73 -1.61
CA PRO A 148 -15.68 20.86 -0.62
C PRO A 148 -16.30 19.55 -1.16
N LYS A 149 -16.78 19.55 -2.40
CA LYS A 149 -17.41 18.36 -2.97
C LYS A 149 -16.39 17.23 -3.12
N GLU A 150 -15.28 17.57 -3.76
CA GLU A 150 -14.22 16.59 -4.02
C GLU A 150 -13.61 16.10 -2.71
N THR A 151 -13.43 17.01 -1.75
CA THR A 151 -12.88 16.63 -0.44
C THR A 151 -13.82 15.72 0.33
N ALA A 152 -15.11 16.03 0.34
CA ALA A 152 -16.09 15.19 1.03
C ALA A 152 -16.06 13.76 0.49
N GLU A 153 -16.00 13.63 -0.84
CA GLU A 153 -15.94 12.31 -1.47
C GLU A 153 -14.63 11.58 -1.15
N HIS A 154 -13.52 12.31 -1.20
CA HIS A 154 -12.19 11.77 -0.87
C HIS A 154 -12.18 11.22 0.56
N ARG A 155 -13.00 11.82 1.43
CA ARG A 155 -13.12 11.42 2.84
C ARG A 155 -14.29 10.48 3.13
N ALA A 156 -14.95 9.97 2.09
CA ALA A 156 -16.18 9.16 2.24
C ALA A 156 -15.97 7.66 2.18
N GLY A 157 -14.74 7.21 1.93
CA GLY A 157 -14.46 5.79 1.78
C GLY A 157 -14.39 5.03 3.08
N GLY A 158 -14.45 3.70 2.98
CA GLY A 158 -14.33 2.82 4.14
C GLY A 158 -12.92 2.29 4.29
N LEU A 159 -12.74 1.32 5.19
CA LEU A 159 -11.45 0.66 5.30
C LEU A 159 -11.09 0.06 3.94
N GLY A 160 -9.83 0.22 3.55
CA GLY A 160 -9.36 -0.25 2.26
C GLY A 160 -9.45 0.77 1.15
N SER A 161 -9.87 1.99 1.50
CA SER A 161 -9.93 3.11 0.56
C SER A 161 -8.85 4.12 0.88
N HIS A 162 -8.69 5.09 -0.01
CA HIS A 162 -7.76 6.21 0.22
C HIS A 162 -8.01 6.89 1.56
N THR A 163 -9.30 6.99 1.94
CA THR A 163 -9.72 7.68 3.16
C THR A 163 -8.98 7.28 4.43
N HIS A 164 -8.71 5.98 4.61
CA HIS A 164 -8.08 5.49 5.85
C HIS A 164 -6.74 4.79 5.61
N ALA A 165 -6.15 5.05 4.44
CA ALA A 165 -4.95 4.35 3.99
C ALA A 165 -3.78 4.43 4.95
N TYR A 166 -3.61 5.58 5.60
CA TYR A 166 -2.52 5.82 6.55
C TYR A 166 -2.99 5.71 8.00
N THR A 167 -4.05 6.45 8.34
CA THR A 167 -4.52 6.54 9.72
C THR A 167 -4.80 5.16 10.32
N VAL A 168 -5.42 4.30 9.52
CA VAL A 168 -5.69 2.93 9.92
C VAL A 168 -4.69 1.95 9.32
N ASN A 169 -4.51 1.97 8.00
CA ASN A 169 -3.79 0.88 7.34
C ASN A 169 -2.27 1.07 7.23
N VAL A 170 -1.75 2.14 7.81
CA VAL A 170 -0.32 2.18 8.15
C VAL A 170 -0.17 1.97 9.65
N LEU A 171 -0.82 2.82 10.44
CA LEU A 171 -0.59 2.86 11.88
C LEU A 171 -1.05 1.60 12.63
N GLU A 172 -1.99 0.84 12.05
CA GLU A 172 -2.45 -0.41 12.66
C GLU A 172 -1.93 -1.68 11.96
N PHE A 173 -1.17 -1.53 10.87
CA PHE A 173 -0.86 -2.70 10.03
C PHE A 173 0.36 -3.47 10.52
N SER A 174 0.16 -4.78 10.69
CA SER A 174 1.19 -5.69 11.19
C SER A 174 2.54 -5.55 10.50
N TRP A 175 2.55 -5.54 9.17
CA TRP A 175 3.82 -5.50 8.43
C TRP A 175 4.55 -4.18 8.59
N HIS A 176 3.81 -3.10 8.85
CA HIS A 176 4.43 -1.81 9.10
C HIS A 176 4.97 -1.70 10.54
N VAL A 177 4.10 -1.98 11.51
CA VAL A 177 4.48 -1.86 12.93
C VAL A 177 5.51 -2.91 13.34
N GLY A 178 5.54 -4.03 12.61
CA GLY A 178 6.48 -5.12 12.88
C GLY A 178 7.91 -4.93 12.40
N LYS A 179 8.23 -3.80 11.75
CA LYS A 179 9.55 -3.62 11.14
C LYS A 179 10.20 -2.29 11.53
N PRO A 180 11.54 -2.22 11.47
CA PRO A 180 12.21 -0.93 11.73
C PRO A 180 11.72 0.15 10.78
N ALA A 181 11.57 1.36 11.30
CA ALA A 181 10.89 2.44 10.57
C ALA A 181 11.50 2.73 9.20
N GLU A 182 12.83 2.75 9.12
CA GLU A 182 13.50 3.10 7.85
C GLU A 182 13.32 2.04 6.75
N GLU A 183 12.94 0.83 7.13
CA GLU A 183 12.64 -0.23 6.15
C GLU A 183 11.34 0.01 5.39
N VAL A 184 10.40 0.72 6.03
CA VAL A 184 9.03 0.81 5.52
C VAL A 184 8.57 2.26 5.29
N THR A 185 9.52 3.17 5.18
CA THR A 185 9.21 4.57 4.89
C THR A 185 8.28 4.72 3.68
N GLY A 186 8.56 3.97 2.61
CA GLY A 186 7.77 4.02 1.39
C GLY A 186 6.32 3.56 1.58
N CYS A 187 6.11 2.67 2.54
CA CYS A 187 4.76 2.26 2.91
C CYS A 187 3.98 3.41 3.51
N ALA A 188 4.60 4.09 4.48
CA ALA A 188 3.97 5.24 5.13
C ALA A 188 3.62 6.32 4.12
N HIS A 189 4.54 6.60 3.21
CA HIS A 189 4.35 7.69 2.26
C HIS A 189 3.36 7.34 1.17
N CYS A 190 3.41 6.12 0.63
CA CYS A 190 2.46 5.74 -0.41
C CYS A 190 1.03 5.83 0.13
N HIS A 191 0.81 5.23 1.28
CA HIS A 191 -0.51 5.20 1.89
C HIS A 191 -0.91 6.62 2.37
N ALA A 192 0.05 7.39 2.90
CA ALA A 192 -0.23 8.77 3.36
C ALA A 192 -0.52 9.73 2.21
N ILE A 193 0.14 9.56 1.06
CA ILE A 193 -0.17 10.38 -0.11
C ILE A 193 -1.62 10.15 -0.51
N ALA A 194 -2.05 8.90 -0.53
CA ALA A 194 -3.44 8.58 -0.90
C ALA A 194 -4.44 9.21 0.06
N GLU A 195 -4.16 9.16 1.36
CA GLU A 195 -5.12 9.68 2.36
C GLU A 195 -5.07 11.21 2.52
N ASN A 196 -3.90 11.72 2.85
CA ASN A 196 -3.77 13.10 3.34
C ASN A 196 -3.64 14.15 2.26
N ARG A 197 -3.34 13.73 1.04
CA ARG A 197 -3.12 14.66 -0.07
C ARG A 197 -4.19 14.59 -1.13
N CYS A 198 -4.17 15.61 -1.99
CA CYS A 198 -5.04 15.71 -3.14
C CYS A 198 -4.22 15.73 -4.42
N SER A 199 -2.96 15.29 -4.33
CA SER A 199 -2.03 15.35 -5.45
C SER A 199 -1.56 13.97 -5.94
N GLY A 200 -2.15 12.89 -5.41
CA GLY A 200 -1.80 11.55 -5.86
C GLY A 200 -2.08 11.28 -7.33
N CYS A 201 -3.14 11.88 -7.86
CA CYS A 201 -3.60 11.64 -9.23
C CYS A 201 -3.33 12.82 -10.15
N HIS A 202 -3.80 14.01 -9.74
CA HIS A 202 -3.42 15.26 -10.41
C HIS A 202 -2.34 15.92 -9.55
N THR A 203 -1.08 15.76 -9.96
CA THR A 203 0.08 16.16 -9.16
C THR A 203 0.19 17.67 -9.01
N ARG A 204 0.86 18.07 -7.93
CA ARG A 204 1.25 19.47 -7.78
C ARG A 204 2.37 19.76 -8.80
N HIS A 205 2.55 21.00 -9.24
CA HIS A 205 1.70 22.14 -8.89
C HIS A 205 0.76 22.52 -10.03
N LYS A 206 0.66 21.69 -11.06
CA LYS A 206 -0.28 21.94 -12.17
C LYS A 206 -1.73 21.60 -11.81
N PHE A 207 -1.89 20.58 -10.96
CA PHE A 207 -3.22 20.07 -10.57
C PHE A 207 -4.15 19.92 -11.78
N ASP A 208 -3.69 19.16 -12.76
CA ASP A 208 -4.37 18.99 -14.04
C ASP A 208 -5.27 17.74 -14.06
N PRO A 209 -6.60 17.93 -14.09
CA PRO A 209 -7.48 16.77 -14.18
C PRO A 209 -7.21 15.84 -15.38
N ALA A 210 -6.73 16.39 -16.50
CA ALA A 210 -6.44 15.56 -17.67
C ALA A 210 -5.33 14.53 -17.36
N GLU A 211 -4.35 14.95 -16.57
CA GLU A 211 -3.31 14.06 -16.06
C GLU A 211 -3.91 12.96 -15.17
N ALA A 212 -4.86 13.34 -14.32
CA ALA A 212 -5.47 12.42 -13.36
C ALA A 212 -6.32 11.32 -14.01
N ARG A 213 -6.78 11.56 -15.23
CA ARG A 213 -7.59 10.59 -15.96
C ARG A 213 -6.76 9.43 -16.53
N LYS A 214 -5.46 9.62 -16.66
CA LYS A 214 -4.58 8.62 -17.25
C LYS A 214 -4.24 7.51 -16.24
N PRO A 215 -3.96 6.29 -16.72
CA PRO A 215 -3.58 5.21 -15.80
C PRO A 215 -2.30 5.50 -14.99
N THR A 216 -1.47 6.37 -15.53
CA THR A 216 -0.26 6.85 -14.84
C THR A 216 -0.59 7.57 -13.52
N ALA A 217 -1.83 8.04 -13.37
CA ALA A 217 -2.28 8.67 -12.14
C ALA A 217 -2.54 7.68 -11.01
N CYS A 218 -2.52 6.39 -11.31
CA CYS A 218 -2.82 5.33 -10.32
C CYS A 218 -1.74 4.28 -10.16
N ARG A 219 -0.97 4.00 -11.22
CA ARG A 219 -0.13 2.79 -11.28
C ARG A 219 1.13 2.79 -10.41
N VAL A 220 1.59 3.95 -9.96
CA VAL A 220 2.74 4.03 -9.05
C VAL A 220 2.41 3.32 -7.73
N CYS A 221 1.13 3.38 -7.34
CA CYS A 221 0.66 2.75 -6.11
C CYS A 221 -0.05 1.42 -6.37
N HIS A 222 -0.86 1.38 -7.42
CA HIS A 222 -1.69 0.22 -7.73
C HIS A 222 -0.94 -0.77 -8.62
N MET A 223 0.16 -1.30 -8.09
CA MET A 223 1.03 -2.21 -8.84
C MET A 223 1.62 -3.29 -7.95
N GLY A 224 2.17 -4.31 -8.60
CA GLY A 224 3.04 -5.27 -7.94
C GLY A 224 2.36 -6.54 -7.48
N ILE A 225 3.17 -7.47 -6.98
CA ILE A 225 2.65 -8.77 -6.56
C ILE A 225 1.61 -8.70 -5.46
N ASP A 226 1.59 -7.62 -4.68
CA ASP A 226 0.59 -7.43 -3.63
C ASP A 226 -0.79 -7.05 -4.16
N HIS A 227 -0.81 -6.42 -5.33
CA HIS A 227 -2.04 -5.88 -5.92
C HIS A 227 -1.67 -5.34 -7.30
N ASP A 228 -1.79 -6.21 -8.30
CA ASP A 228 -1.14 -6.03 -9.60
C ASP A 228 -2.09 -5.44 -10.65
N GLU A 229 -3.07 -4.66 -10.23
CA GLU A 229 -4.11 -4.15 -11.12
C GLU A 229 -3.57 -3.35 -12.32
N TRP A 230 -2.46 -2.61 -12.16
CA TRP A 230 -1.88 -1.92 -13.32
C TRP A 230 -1.48 -2.93 -14.40
N ALA A 231 -0.74 -3.96 -14.01
CA ALA A 231 -0.33 -4.98 -14.97
C ALA A 231 -1.52 -5.73 -15.55
N MET A 232 -2.54 -5.98 -14.73
CA MET A 232 -3.76 -6.64 -15.21
C MET A 232 -4.46 -5.78 -16.28
N TYR A 233 -4.63 -4.50 -15.98
CA TYR A 233 -5.17 -3.56 -16.95
C TYR A 233 -4.29 -3.44 -18.18
N ASN A 234 -2.98 -3.29 -17.98
CA ASN A 234 -2.07 -3.07 -19.10
C ASN A 234 -2.01 -4.25 -20.07
N THR A 235 -2.25 -5.45 -19.55
CA THR A 235 -2.22 -6.68 -20.36
C THR A 235 -3.63 -7.11 -20.81
N SER A 236 -4.61 -6.23 -20.64
CA SER A 236 -5.92 -6.39 -21.26
C SER A 236 -5.92 -5.62 -22.56
N ILE A 237 -6.91 -5.91 -23.41
CA ILE A 237 -7.06 -5.17 -24.67
C ILE A 237 -7.32 -3.69 -24.40
N HIS A 238 -8.04 -3.38 -23.31
CA HIS A 238 -8.21 -1.99 -22.89
C HIS A 238 -6.85 -1.30 -22.69
N GLY A 239 -5.94 -1.99 -21.99
CA GLY A 239 -4.61 -1.44 -21.71
C GLY A 239 -3.76 -1.25 -22.95
N ALA A 240 -3.84 -2.21 -23.87
CA ALA A 240 -3.14 -2.10 -25.14
C ALA A 240 -3.66 -0.91 -25.96
N LEU A 241 -4.98 -0.73 -25.94
CA LEU A 241 -5.59 0.41 -26.65
C LEU A 241 -5.23 1.75 -26.00
N TYR A 242 -5.14 1.79 -24.68
CA TYR A 242 -4.63 2.97 -23.98
C TYR A 242 -3.24 3.35 -24.52
N GLU A 243 -2.34 2.37 -24.59
CA GLU A 243 -0.99 2.62 -25.08
C GLU A 243 -1.01 3.10 -26.53
N ALA A 244 -1.85 2.48 -27.35
CA ALA A 244 -1.99 2.84 -28.75
C ALA A 244 -2.56 4.25 -28.97
N GLU A 245 -3.53 4.65 -28.14
CA GLU A 245 -4.28 5.89 -28.38
C GLU A 245 -3.88 7.07 -27.50
N SER A 246 -3.07 6.84 -26.48
CA SER A 246 -2.77 7.88 -25.50
C SER A 246 -2.22 9.17 -26.12
N ALA A 247 -1.35 9.03 -27.11
CA ALA A 247 -0.63 10.16 -27.68
C ALA A 247 -1.54 11.13 -28.43
N ARG A 248 -2.62 10.61 -29.01
CA ARG A 248 -3.47 11.41 -29.90
C ARG A 248 -4.91 11.62 -29.41
N MET A 249 -5.31 10.91 -28.36
CA MET A 249 -6.66 11.04 -27.83
C MET A 249 -6.81 12.32 -27.01
N ASP A 250 -8.05 12.74 -26.83
CA ASP A 250 -8.37 13.97 -26.12
C ASP A 250 -8.60 13.67 -24.65
N TRP A 251 -7.59 13.91 -23.83
CA TRP A 251 -7.66 13.69 -22.39
C TRP A 251 -8.33 14.85 -21.64
N GLY A 252 -8.67 15.91 -22.37
CA GLY A 252 -9.36 17.06 -21.77
C GLY A 252 -10.85 16.86 -21.57
N LYS A 253 -11.41 15.77 -22.09
CA LYS A 253 -12.82 15.47 -21.91
C LYS A 253 -13.10 14.90 -20.52
N LYS A 254 -14.22 15.32 -19.93
CA LYS A 254 -14.62 14.79 -18.64
C LYS A 254 -14.93 13.30 -18.74
N LEU A 255 -14.75 12.59 -17.64
CA LEU A 255 -15.05 11.16 -17.59
C LEU A 255 -16.56 11.00 -17.64
N LYS A 256 -17.06 10.72 -18.83
CA LYS A 256 -18.50 10.60 -19.07
C LYS A 256 -18.74 9.61 -20.20
N LYS A 257 -19.87 8.92 -20.12
CA LYS A 257 -20.34 8.03 -21.17
C LYS A 257 -20.28 8.73 -22.54
N GLY A 258 -19.55 8.12 -23.48
CA GLY A 258 -19.43 8.66 -24.83
C GLY A 258 -18.23 9.57 -25.09
N ASN A 259 -17.53 9.99 -24.04
CA ASN A 259 -16.37 10.88 -24.17
C ASN A 259 -15.06 10.14 -24.45
N TYR A 260 -15.03 8.83 -24.19
CA TYR A 260 -13.83 8.00 -24.35
C TYR A 260 -14.10 6.70 -25.09
N ARG A 261 -13.18 6.33 -25.97
CA ARG A 261 -13.19 4.99 -26.56
C ARG A 261 -12.56 3.98 -25.60
N VAL A 262 -11.43 4.35 -25.01
CA VAL A 262 -10.66 3.46 -24.15
C VAL A 262 -10.91 3.82 -22.69
N PRO A 263 -11.35 2.84 -21.87
CA PRO A 263 -11.57 3.09 -20.46
C PRO A 263 -10.25 3.02 -19.69
N THR A 264 -10.08 3.90 -18.71
CA THR A 264 -8.94 3.88 -17.80
C THR A 264 -9.43 3.59 -16.38
N CYS A 265 -8.47 3.44 -15.46
CA CYS A 265 -8.79 3.26 -14.02
C CYS A 265 -9.81 4.30 -13.54
N ALA A 266 -9.53 5.56 -13.84
CA ALA A 266 -10.40 6.67 -13.43
C ALA A 266 -11.79 6.58 -14.07
N TYR A 267 -11.84 6.21 -15.36
CA TYR A 267 -13.12 6.07 -16.04
C TYR A 267 -14.05 5.09 -15.33
N CYS A 268 -13.51 3.93 -14.94
CA CYS A 268 -14.32 2.87 -14.35
C CYS A 268 -14.51 3.02 -12.85
N HIS A 269 -13.53 3.62 -12.17
CA HIS A 269 -13.56 3.71 -10.70
C HIS A 269 -13.90 5.09 -10.16
N MET A 270 -13.57 6.15 -10.89
CA MET A 270 -14.04 7.51 -10.55
C MET A 270 -15.14 7.91 -11.52
N GLN A 271 -16.20 7.10 -11.54
CA GLN A 271 -17.26 7.26 -12.53
C GLN A 271 -17.86 8.64 -12.42
N ASN A 272 -17.96 9.32 -13.56
CA ASN A 272 -18.50 10.68 -13.63
C ASN A 272 -17.81 11.64 -12.65
N GLY A 273 -16.53 11.38 -12.38
CA GLY A 273 -15.71 12.25 -11.55
C GLY A 273 -15.86 12.06 -10.06
N ASP A 274 -16.47 10.95 -9.64
CA ASP A 274 -16.65 10.66 -8.22
C ASP A 274 -15.30 10.43 -7.54
N HIS A 275 -15.01 11.21 -6.50
CA HIS A 275 -13.72 11.14 -5.81
C HIS A 275 -13.69 10.13 -4.65
N ASN A 276 -14.73 9.29 -4.55
CA ASN A 276 -14.77 8.12 -3.65
C ASN A 276 -14.77 6.87 -4.52
N PRO A 277 -13.62 6.55 -5.17
CA PRO A 277 -13.62 5.42 -6.11
C PRO A 277 -13.97 4.06 -5.49
N GLN A 278 -13.73 3.87 -4.20
CA GLN A 278 -14.05 2.57 -3.58
C GLN A 278 -15.53 2.19 -3.70
N ARG A 279 -16.42 3.18 -3.72
CA ARG A 279 -17.83 2.90 -3.52
C ARG A 279 -18.49 2.06 -4.64
N PHE A 280 -17.85 2.00 -5.80
CA PHE A 280 -18.39 1.21 -6.93
C PHE A 280 -18.13 -0.29 -6.78
N GLY A 281 -17.19 -0.67 -5.92
CA GLY A 281 -16.88 -2.07 -5.68
C GLY A 281 -18.06 -2.78 -5.04
N THR A 282 -18.23 -4.06 -5.36
CA THR A 282 -19.31 -4.85 -4.79
C THR A 282 -19.21 -4.89 -3.26
N ILE A 283 -18.02 -5.23 -2.77
CA ILE A 283 -17.80 -5.45 -1.34
C ILE A 283 -16.29 -5.47 -1.10
N TYR A 284 -15.85 -4.97 0.05
CA TYR A 284 -14.42 -5.04 0.39
C TYR A 284 -14.06 -6.49 0.77
N SER A 285 -13.05 -7.04 0.10
CA SER A 285 -12.69 -8.45 0.23
C SER A 285 -11.23 -8.69 0.64
N ASP A 286 -10.61 -7.69 1.24
CA ASP A 286 -9.19 -7.74 1.54
C ASP A 286 -8.40 -8.14 0.30
N MET A 287 -8.63 -7.39 -0.76
CA MET A 287 -7.88 -7.51 -2.02
C MET A 287 -8.07 -8.87 -2.70
N GLY A 288 -9.23 -9.47 -2.49
CA GLY A 288 -9.53 -10.79 -3.06
C GLY A 288 -8.98 -11.97 -2.26
N MET A 289 -8.41 -11.71 -1.08
CA MET A 289 -7.97 -12.79 -0.19
C MET A 289 -9.15 -13.43 0.53
N PHE A 290 -10.26 -12.71 0.62
CA PHE A 290 -11.53 -13.25 1.11
C PHE A 290 -12.39 -13.57 -0.10
N GLN A 291 -13.05 -14.73 -0.07
CA GLN A 291 -13.80 -15.22 -1.21
C GLN A 291 -15.23 -14.73 -1.17
N VAL A 292 -15.67 -14.13 -2.26
CA VAL A 292 -17.08 -13.73 -2.41
C VAL A 292 -17.49 -13.82 -3.87
N ASP A 293 -18.69 -14.36 -4.10
CA ASP A 293 -19.25 -14.45 -5.43
C ASP A 293 -20.08 -13.21 -5.71
N ARG A 294 -19.46 -12.29 -6.46
CA ARG A 294 -20.07 -11.02 -6.79
C ARG A 294 -21.27 -11.15 -7.73
N GLY A 295 -21.46 -12.33 -8.31
CA GLY A 295 -22.62 -12.63 -9.16
C GLY A 295 -23.78 -13.28 -8.43
N ALA A 296 -23.69 -13.40 -7.11
CA ALA A 296 -24.78 -14.00 -6.31
C ALA A 296 -25.98 -13.05 -6.21
N PRO A 297 -27.18 -13.62 -6.00
CA PRO A 297 -28.40 -12.79 -5.94
C PRO A 297 -28.31 -11.55 -5.04
N LYS A 298 -27.68 -11.68 -3.87
CA LYS A 298 -27.63 -10.58 -2.91
C LYS A 298 -26.81 -9.38 -3.39
N HIS A 299 -25.94 -9.59 -4.38
CA HIS A 299 -25.11 -8.50 -4.92
C HIS A 299 -25.61 -8.01 -6.27
N LYS A 300 -26.84 -8.32 -6.62
CA LYS A 300 -27.38 -8.00 -7.94
C LYS A 300 -27.32 -6.52 -8.29
N ALA A 301 -27.60 -5.62 -7.34
CA ALA A 301 -27.58 -4.19 -7.62
C ALA A 301 -26.17 -3.73 -8.06
N LYS A 302 -25.15 -4.19 -7.34
CA LYS A 302 -23.76 -3.87 -7.69
C LYS A 302 -23.36 -4.47 -9.05
N ARG A 303 -23.74 -5.72 -9.28
CA ARG A 303 -23.42 -6.39 -10.55
C ARG A 303 -24.11 -5.67 -11.71
N ASP A 304 -25.39 -5.33 -11.53
CA ASP A 304 -26.12 -4.59 -12.57
C ASP A 304 -25.48 -3.22 -12.83
N SER A 305 -24.99 -2.56 -11.78
CA SER A 305 -24.32 -1.27 -11.94
C SER A 305 -23.04 -1.41 -12.77
N TRP A 306 -22.25 -2.45 -12.50
CA TRP A 306 -21.06 -2.71 -13.33
C TRP A 306 -21.41 -3.03 -14.79
N ILE A 307 -22.42 -3.86 -14.98
CA ILE A 307 -22.88 -4.18 -16.35
C ILE A 307 -23.25 -2.90 -17.11
N LYS A 308 -23.94 -1.98 -16.44
CA LYS A 308 -24.35 -0.73 -17.06
C LYS A 308 -23.15 0.18 -17.38
N LEU A 309 -22.14 0.15 -16.51
CA LEU A 309 -20.89 0.87 -16.77
C LEU A 309 -20.23 0.32 -18.05
N CYS A 310 -20.10 -0.99 -18.14
CA CYS A 310 -19.53 -1.61 -19.33
C CYS A 310 -20.35 -1.30 -20.58
N GLN A 311 -21.66 -1.14 -20.40
CA GLN A 311 -22.57 -0.89 -21.53
C GLN A 311 -22.36 0.48 -22.18
N ASP A 312 -21.55 1.35 -21.56
CA ASP A 312 -21.09 2.54 -22.27
C ASP A 312 -20.50 2.17 -23.64
N CYS A 313 -19.87 0.99 -23.71
CA CYS A 313 -19.15 0.59 -24.92
C CYS A 313 -19.36 -0.86 -25.37
N HIS A 314 -20.29 -1.56 -24.75
CA HIS A 314 -20.49 -2.99 -24.99
C HIS A 314 -21.95 -3.40 -24.81
N SER A 315 -22.31 -4.53 -25.41
CA SER A 315 -23.54 -5.24 -25.06
C SER A 315 -23.54 -5.59 -23.57
N PRO A 316 -24.68 -5.41 -22.88
CA PRO A 316 -24.74 -5.79 -21.47
C PRO A 316 -24.71 -7.30 -21.25
N ARG A 317 -25.08 -8.07 -22.26
CA ARG A 317 -24.99 -9.53 -22.22
C ARG A 317 -23.52 -9.94 -22.22
N PHE A 318 -22.74 -9.34 -23.11
CA PHE A 318 -21.29 -9.54 -23.14
C PHE A 318 -20.64 -9.20 -21.79
N ALA A 319 -20.96 -8.02 -21.27
CA ALA A 319 -20.43 -7.59 -19.97
C ALA A 319 -20.81 -8.57 -18.85
N ALA A 320 -22.07 -8.98 -18.81
CA ALA A 320 -22.55 -9.92 -17.80
C ALA A 320 -21.76 -11.23 -17.88
N ASP A 321 -21.53 -11.71 -19.10
CA ASP A 321 -20.76 -12.94 -19.30
C ASP A 321 -19.34 -12.78 -18.76
N LYS A 322 -18.71 -11.65 -19.03
CA LYS A 322 -17.34 -11.41 -18.58
C LYS A 322 -17.22 -11.38 -17.06
N LEU A 323 -18.21 -10.78 -16.40
CA LEU A 323 -18.19 -10.69 -14.95
C LEU A 323 -18.55 -12.05 -14.31
N LYS A 324 -19.36 -12.86 -14.99
CA LYS A 324 -19.58 -14.24 -14.57
C LYS A 324 -18.31 -15.10 -14.71
N GLU A 325 -17.49 -14.83 -15.71
CA GLU A 325 -16.21 -15.53 -15.87
C GLU A 325 -15.32 -15.24 -14.68
N MET A 326 -15.35 -13.98 -14.23
CA MET A 326 -14.65 -13.59 -13.01
C MET A 326 -15.12 -14.41 -11.82
N ASP A 327 -16.44 -14.48 -11.64
CA ASP A 327 -16.99 -15.21 -10.49
C ASP A 327 -16.53 -16.66 -10.51
N ALA A 328 -16.64 -17.31 -11.67
CA ALA A 328 -16.28 -18.71 -11.81
C ALA A 328 -14.77 -18.93 -11.59
N GLY A 329 -13.95 -18.07 -12.20
CA GLY A 329 -12.51 -18.19 -12.09
C GLY A 329 -12.01 -17.98 -10.68
N VAL A 330 -12.60 -17.01 -9.99
CA VAL A 330 -12.29 -16.76 -8.59
C VAL A 330 -12.63 -17.99 -7.74
N ASN A 331 -13.82 -18.55 -7.93
CA ASN A 331 -14.23 -19.68 -7.11
C ASN A 331 -13.35 -20.92 -7.30
N LEU A 332 -12.90 -21.15 -8.53
CA LEU A 332 -11.97 -22.26 -8.80
C LEU A 332 -10.62 -22.00 -8.09
N SER A 333 -10.15 -20.75 -8.13
CA SER A 333 -8.87 -20.38 -7.54
C SER A 333 -8.77 -20.70 -6.04
N PHE A 334 -9.90 -20.62 -5.34
CA PHE A 334 -9.88 -20.88 -3.90
C PHE A 334 -9.76 -22.36 -3.54
N THR A 335 -10.04 -23.26 -4.47
CA THR A 335 -9.81 -24.70 -4.23
C THR A 335 -8.32 -24.98 -4.00
N LYS A 336 -7.47 -24.27 -4.75
CA LYS A 336 -6.03 -24.45 -4.63
C LYS A 336 -5.50 -23.84 -3.35
N TRP A 337 -6.05 -22.71 -2.93
CA TRP A 337 -5.67 -22.10 -1.66
C TRP A 337 -6.05 -23.00 -0.48
N ARG A 338 -7.26 -23.56 -0.52
CA ARG A 338 -7.72 -24.44 0.55
C ARG A 338 -6.86 -25.70 0.62
N GLU A 339 -6.45 -26.25 -0.53
CA GLU A 339 -5.47 -27.34 -0.54
C GLU A 339 -4.17 -26.95 0.14
N ALA A 340 -3.64 -25.78 -0.23
CA ALA A 340 -2.40 -25.26 0.34
C ALA A 340 -2.54 -25.13 1.85
N ALA A 341 -3.62 -24.50 2.30
CA ALA A 341 -3.85 -24.24 3.72
C ALA A 341 -3.91 -25.54 4.53
N ALA A 342 -4.58 -26.56 4.00
CA ALA A 342 -4.67 -27.85 4.67
C ALA A 342 -3.29 -28.50 4.83
N VAL A 343 -2.47 -28.43 3.78
CA VAL A 343 -1.12 -29.00 3.82
C VAL A 343 -0.28 -28.28 4.87
N ILE A 344 -0.38 -26.95 4.88
CA ILE A 344 0.46 -26.13 5.76
C ILE A 344 0.08 -26.30 7.22
N VAL A 345 -1.21 -26.14 7.53
CA VAL A 345 -1.70 -26.31 8.91
C VAL A 345 -1.47 -27.74 9.40
N GLY A 346 -1.71 -28.72 8.51
CA GLY A 346 -1.39 -30.13 8.78
C GLY A 346 0.01 -30.32 9.32
N CYS A 347 0.99 -29.69 8.67
CA CYS A 347 2.38 -29.77 9.11
C CYS A 347 2.54 -29.21 10.53
N TYR A 348 1.92 -28.07 10.79
CA TYR A 348 2.01 -27.49 12.13
C TYR A 348 1.37 -28.39 13.19
N LEU A 349 0.20 -28.93 12.90
CA LEU A 349 -0.51 -29.80 13.84
C LEU A 349 0.26 -31.09 14.13
N ASP A 350 1.01 -31.58 13.14
CA ASP A 350 1.87 -32.76 13.32
C ASP A 350 3.25 -32.43 13.90
N GLY A 351 3.54 -31.14 14.05
CA GLY A 351 4.78 -30.67 14.70
C GLY A 351 6.05 -30.86 13.88
N VAL A 352 5.92 -30.82 12.55
CA VAL A 352 7.06 -31.08 11.66
C VAL A 352 7.56 -29.82 10.91
N VAL A 353 6.95 -28.67 11.18
CA VAL A 353 7.45 -27.43 10.58
C VAL A 353 8.82 -27.13 11.17
N ASP A 354 9.75 -26.70 10.33
CA ASP A 354 11.08 -26.29 10.78
C ASP A 354 11.37 -24.90 10.23
N PRO A 355 11.56 -23.90 11.11
CA PRO A 355 11.41 -23.99 12.56
C PRO A 355 9.95 -24.06 12.96
N MET A 356 9.70 -24.54 14.18
CA MET A 356 8.38 -24.34 14.80
C MET A 356 8.38 -22.92 15.37
N PRO A 357 7.21 -22.39 15.71
CA PRO A 357 7.15 -20.97 16.09
C PRO A 357 8.08 -20.58 17.26
N GLU A 358 8.26 -21.49 18.23
CA GLU A 358 9.17 -21.22 19.35
C GLU A 358 10.65 -21.20 18.94
N GLY A 359 10.94 -21.69 17.73
CA GLY A 359 12.30 -21.64 17.16
C GLY A 359 12.61 -20.36 16.39
N SER A 360 11.61 -19.51 16.17
CA SER A 360 11.80 -18.25 15.46
C SER A 360 11.79 -17.10 16.45
N ALA A 361 12.15 -15.91 15.98
CA ALA A 361 11.96 -14.69 16.74
C ALA A 361 10.46 -14.54 16.99
N PRO A 362 10.09 -13.88 18.10
CA PRO A 362 8.66 -13.68 18.33
C PRO A 362 8.05 -12.81 17.23
N ASP A 363 6.78 -13.04 16.92
CA ASP A 363 6.07 -12.17 15.98
C ASP A 363 5.89 -10.78 16.61
N TRP A 364 5.33 -9.86 15.84
CA TRP A 364 5.29 -8.45 16.27
C TRP A 364 4.40 -8.21 17.49
N TYR A 365 3.51 -9.16 17.80
CA TYR A 365 2.72 -9.13 19.04
C TYR A 365 3.55 -9.51 20.26
N GLY A 366 4.72 -10.12 20.03
CA GLY A 366 5.55 -10.70 21.08
C GLY A 366 5.24 -12.16 21.36
N HIS A 367 4.57 -12.82 20.41
CA HIS A 367 4.13 -14.22 20.57
C HIS A 367 4.93 -15.18 19.71
N TYR A 368 5.06 -16.42 20.19
CA TYR A 368 5.65 -17.50 19.41
C TYR A 368 4.50 -18.35 18.87
N THR A 369 3.81 -17.79 17.88
CA THR A 369 2.55 -18.34 17.38
C THR A 369 2.65 -18.62 15.88
N PHE A 370 2.13 -19.76 15.45
CA PHE A 370 2.11 -20.11 14.03
C PHE A 370 1.37 -19.01 13.27
N SER A 371 1.97 -18.58 12.16
CA SER A 371 1.49 -17.41 11.43
C SER A 371 0.18 -17.66 10.68
N LEU A 372 -0.08 -18.91 10.31
CA LEU A 372 -1.27 -19.25 9.55
C LEU A 372 -2.28 -20.02 10.41
N LEU A 373 -2.43 -19.57 11.66
CA LEU A 373 -3.52 -19.98 12.54
C LEU A 373 -4.15 -18.72 13.13
N PRO A 374 -5.40 -18.83 13.62
CA PRO A 374 -6.03 -17.70 14.31
C PRO A 374 -5.13 -17.11 15.38
N GLY A 375 -5.08 -15.78 15.45
CA GLY A 375 -4.20 -15.08 16.37
C GLY A 375 -2.77 -14.88 15.88
N GLY A 376 -2.38 -15.55 14.79
CA GLY A 376 -1.04 -15.41 14.24
C GLY A 376 -0.92 -14.21 13.31
N ASP A 377 0.29 -14.01 12.78
CA ASP A 377 0.60 -12.90 11.89
C ASP A 377 1.09 -13.42 10.53
N PRO A 378 0.16 -13.65 9.58
CA PRO A 378 0.56 -14.10 8.24
C PRO A 378 1.62 -13.18 7.65
N ARG A 379 2.73 -13.75 7.19
CA ARG A 379 3.86 -12.96 6.71
C ARG A 379 4.84 -13.75 5.86
N PHE A 380 5.77 -13.01 5.24
CA PHE A 380 6.77 -13.52 4.30
C PHE A 380 8.20 -13.42 4.89
N TYR A 381 8.33 -12.85 6.10
CA TYR A 381 9.64 -12.59 6.71
C TYR A 381 9.69 -13.18 8.12
N ALA A 382 10.89 -13.50 8.58
CA ALA A 382 11.10 -13.98 9.96
C ALA A 382 10.13 -15.12 10.30
N THR A 383 9.98 -16.04 9.37
CA THR A 383 9.11 -17.20 9.55
C THR A 383 9.68 -18.37 8.76
N SER A 384 9.00 -19.52 8.82
CA SER A 384 9.43 -20.72 8.11
C SER A 384 9.19 -20.56 6.62
N ASN A 385 9.89 -21.38 5.83
CA ASN A 385 9.67 -21.39 4.39
C ASN A 385 8.25 -21.78 4.03
N LEU A 386 7.71 -22.75 4.78
CA LEU A 386 6.33 -23.21 4.58
C LEU A 386 5.32 -22.09 4.79
N GLU A 387 5.51 -21.30 5.84
CA GLU A 387 4.63 -20.18 6.13
C GLU A 387 4.79 -19.03 5.11
N ARG A 388 6.02 -18.77 4.70
CA ARG A 388 6.29 -17.81 3.62
C ARG A 388 5.52 -18.20 2.36
N LEU A 389 5.68 -19.45 1.93
CA LEU A 389 5.02 -19.92 0.71
C LEU A 389 3.49 -19.83 0.83
N GLY A 390 2.97 -20.09 2.02
CA GLY A 390 1.54 -19.97 2.29
C GLY A 390 1.04 -18.54 2.10
N LEU A 391 1.77 -17.57 2.64
CA LEU A 391 1.41 -16.17 2.49
C LEU A 391 1.43 -15.78 1.01
N GLU A 392 2.49 -16.20 0.31
CA GLU A 392 2.60 -15.92 -1.12
C GLU A 392 1.40 -16.47 -1.89
N MET A 393 0.95 -17.67 -1.52
CA MET A 393 -0.22 -18.29 -2.16
C MET A 393 -1.50 -17.47 -2.01
N ILE A 394 -1.80 -17.01 -0.79
CA ILE A 394 -3.07 -16.32 -0.56
C ILE A 394 -3.02 -14.87 -1.02
N CYS A 395 -1.94 -14.16 -0.71
CA CYS A 395 -1.85 -12.72 -1.00
C CYS A 395 -1.42 -12.43 -2.44
N TYR A 396 -0.25 -12.92 -2.82
CA TYR A 396 0.33 -12.56 -4.11
C TYR A 396 -0.37 -13.23 -5.29
N LEU A 397 -0.88 -14.45 -5.07
CA LEU A 397 -1.47 -15.21 -6.17
C LEU A 397 -3.00 -15.22 -6.13
N THR A 398 -3.59 -15.80 -5.09
CA THR A 398 -5.05 -15.91 -5.04
C THR A 398 -5.76 -14.55 -5.15
N GLY A 399 -5.28 -13.56 -4.40
CA GLY A 399 -5.83 -12.21 -4.50
C GLY A 399 -5.76 -11.64 -5.91
N ASN A 400 -4.65 -11.88 -6.59
CA ASN A 400 -4.45 -11.33 -7.94
C ASN A 400 -5.19 -12.08 -9.05
N VAL A 401 -5.60 -13.33 -8.82
CA VAL A 401 -6.50 -13.99 -9.78
C VAL A 401 -7.77 -13.16 -9.95
N TYR A 402 -8.32 -12.68 -8.83
CA TYR A 402 -9.47 -11.77 -8.87
C TYR A 402 -9.15 -10.54 -9.70
N LYS A 403 -8.00 -9.93 -9.45
CA LYS A 403 -7.58 -8.72 -10.19
C LYS A 403 -7.42 -8.99 -11.69
N ALA A 404 -6.91 -10.17 -12.04
CA ALA A 404 -6.76 -10.55 -13.44
C ALA A 404 -8.10 -10.68 -14.17
N TYR A 405 -9.08 -11.27 -13.49
CA TYR A 405 -10.41 -11.41 -14.07
C TYR A 405 -11.16 -10.09 -14.13
N ALA A 406 -11.09 -9.31 -13.04
CA ALA A 406 -11.76 -8.02 -12.98
C ALA A 406 -11.31 -7.09 -14.10
N HIS A 407 -10.06 -7.24 -14.55
CA HIS A 407 -9.48 -6.34 -15.54
C HIS A 407 -9.26 -6.94 -16.93
N MET A 408 -9.79 -8.14 -17.16
CA MET A 408 -9.86 -8.74 -18.48
C MET A 408 -8.49 -9.11 -19.05
N SER A 409 -7.56 -9.49 -18.18
CA SER A 409 -6.24 -9.95 -18.62
C SER A 409 -6.28 -11.45 -18.88
N MET A 410 -6.46 -11.82 -20.14
CA MET A 410 -6.52 -13.22 -20.53
C MET A 410 -5.27 -13.96 -20.09
N TYR A 411 -4.11 -13.35 -20.31
CA TYR A 411 -2.86 -14.00 -19.99
C TYR A 411 -2.64 -14.16 -18.49
N ASN A 412 -2.92 -13.12 -17.72
CA ASN A 412 -2.65 -13.18 -16.27
C ASN A 412 -3.72 -13.94 -15.46
N GLN A 413 -4.87 -14.20 -16.08
CA GLN A 413 -5.85 -15.10 -15.47
C GLN A 413 -5.34 -16.55 -15.47
N THR A 414 -4.55 -16.88 -16.48
CA THR A 414 -4.21 -18.27 -16.80
C THR A 414 -2.72 -18.55 -16.57
N TYR A 415 -1.86 -17.94 -17.38
CA TYR A 415 -0.42 -18.21 -17.38
C TYR A 415 0.44 -17.32 -16.50
N GLY A 416 0.06 -16.06 -16.42
CA GLY A 416 1.00 -15.00 -16.01
C GLY A 416 1.12 -14.75 -14.53
N ASN A 417 1.61 -13.56 -14.18
CA ASN A 417 1.77 -13.18 -12.78
C ASN A 417 0.41 -13.11 -12.08
N GLY A 418 0.28 -13.82 -10.96
CA GLY A 418 -0.95 -13.82 -10.17
C GLY A 418 -2.05 -14.66 -10.81
N SER A 419 -1.66 -15.71 -11.51
CA SER A 419 -2.56 -16.52 -12.33
C SER A 419 -2.88 -17.88 -11.73
N ALA A 420 -3.78 -18.59 -12.39
CA ALA A 420 -4.11 -19.99 -12.06
C ALA A 420 -2.87 -20.87 -12.11
N PHE A 421 -2.04 -20.71 -13.14
CA PHE A 421 -0.88 -21.59 -13.32
C PHE A 421 0.24 -21.24 -12.35
N GLU A 422 0.36 -19.97 -11.96
CA GLU A 422 1.29 -19.62 -10.88
C GLU A 422 0.82 -20.23 -9.56
N GLN A 423 -0.49 -20.23 -9.30
CA GLN A 423 -1.06 -20.95 -8.15
C GLN A 423 -0.66 -22.42 -8.15
N ASP A 424 -0.79 -23.06 -9.32
CA ASP A 424 -0.41 -24.48 -9.48
C ASP A 424 1.03 -24.70 -9.05
N ARG A 425 1.92 -23.85 -9.53
CA ARG A 425 3.35 -24.00 -9.29
C ARG A 425 3.68 -23.73 -7.81
N LYS A 426 3.05 -22.73 -7.23
CA LYS A 426 3.18 -22.45 -5.80
C LYS A 426 2.67 -23.61 -4.95
N LEU A 427 1.58 -24.24 -5.38
CA LEU A 427 1.03 -25.40 -4.67
C LEU A 427 2.02 -26.57 -4.70
N VAL A 428 2.68 -26.77 -5.83
CA VAL A 428 3.74 -27.77 -5.92
C VAL A 428 4.87 -27.42 -4.96
N GLU A 429 5.27 -26.15 -4.91
CA GLU A 429 6.30 -25.70 -3.97
C GLU A 429 5.93 -25.97 -2.51
N ILE A 430 4.68 -25.69 -2.16
CA ILE A 430 4.20 -25.88 -0.78
C ILE A 430 4.20 -27.36 -0.42
N LYS A 431 3.69 -28.20 -1.31
CA LYS A 431 3.68 -29.65 -1.07
C LYS A 431 5.10 -30.20 -0.99
N THR A 432 5.99 -29.64 -1.82
CA THR A 432 7.40 -30.03 -1.80
C THR A 432 8.06 -29.73 -0.45
N GLU A 433 7.78 -28.54 0.09
CA GLU A 433 8.31 -28.17 1.41
C GLU A 433 7.75 -29.09 2.49
N ALA A 434 6.43 -29.29 2.46
CA ALA A 434 5.76 -30.19 3.42
C ALA A 434 6.33 -31.62 3.35
N ALA A 435 6.56 -32.11 2.12
CA ALA A 435 7.08 -33.47 1.93
C ALA A 435 8.49 -33.63 2.50
N LYS A 436 9.34 -32.63 2.26
CA LYS A 436 10.69 -32.60 2.81
C LYS A 436 10.67 -32.60 4.34
N LEU A 437 9.82 -31.74 4.91
CA LEU A 437 9.69 -31.64 6.36
C LEU A 437 9.25 -32.96 6.97
N ARG A 438 8.27 -33.61 6.33
CA ARG A 438 7.77 -34.89 6.83
C ARG A 438 8.80 -36.01 6.70
N ARG A 439 9.55 -36.03 5.61
CA ARG A 439 10.59 -37.05 5.41
C ARG A 439 11.73 -36.92 6.43
N PHE A 440 12.16 -35.69 6.71
CA PHE A 440 13.17 -35.44 7.76
C PHE A 440 12.66 -35.92 9.12
N ALA A 441 11.43 -35.55 9.46
CA ALA A 441 10.86 -35.89 10.76
C ALA A 441 10.73 -37.41 10.95
N ALA A 442 10.34 -38.12 9.89
CA ALA A 442 10.19 -39.58 9.93
C ALA A 442 11.53 -40.29 10.13
N ILE A 443 12.56 -39.81 9.44
CA ILE A 443 13.93 -40.33 9.59
C ILE A 443 14.46 -40.08 11.00
N GLU A 444 14.33 -38.83 11.45
CA GLU A 444 14.84 -38.45 12.78
C GLU A 444 14.15 -39.21 13.92
N LYS A 445 12.85 -39.46 13.78
CA LYS A 445 12.12 -40.27 14.75
C LYS A 445 12.64 -41.71 14.78
N LYS A 446 12.80 -42.31 13.60
CA LYS A 446 13.22 -43.71 13.50
C LYS A 446 14.62 -43.97 14.07
N ILE A 447 15.54 -43.02 13.87
CA ILE A 447 16.92 -43.17 14.35
C ILE A 447 17.15 -42.53 15.73
N GLY A 448 16.15 -41.89 16.29
CA GLY A 448 16.24 -41.27 17.61
C GLY A 448 17.13 -40.03 17.65
N LEU A 449 17.16 -39.27 16.56
CA LEU A 449 17.88 -38.00 16.52
C LEU A 449 16.94 -36.88 16.97
N GLU A 450 17.33 -36.15 18.00
CA GLU A 450 16.53 -35.04 18.50
C GLU A 450 16.95 -33.76 17.78
N HIS A 451 16.15 -33.36 16.80
CA HIS A 451 16.46 -32.20 15.99
C HIS A 451 16.16 -30.91 16.76
N LYS A 452 17.12 -30.00 16.76
CA LYS A 452 16.91 -28.64 17.26
C LYS A 452 17.03 -27.68 16.08
N SER A 453 16.02 -26.86 15.87
CA SER A 453 16.06 -25.87 14.78
C SER A 453 17.24 -24.92 14.95
N ALA A 454 17.86 -24.54 13.83
CA ALA A 454 19.07 -23.70 13.85
C ALA A 454 18.85 -22.36 14.56
N ASP A 455 19.90 -21.83 15.18
CA ASP A 455 19.79 -20.56 15.91
CA ASP A 455 19.82 -20.56 15.90
C ASP A 455 19.52 -19.40 14.96
N PHE A 456 19.91 -19.52 13.69
CA PHE A 456 19.68 -18.45 12.70
C PHE A 456 18.20 -18.17 12.40
N TRP A 457 17.30 -19.09 12.77
CA TRP A 457 15.86 -18.81 12.68
C TRP A 457 15.40 -17.81 13.75
N LYS A 458 16.15 -17.72 14.84
CA LYS A 458 15.73 -16.92 16.00
C LYS A 458 16.52 -15.62 16.14
N HIS A 459 17.82 -15.68 15.91
CA HIS A 459 18.69 -14.54 16.14
C HIS A 459 19.53 -14.21 14.92
N GLY A 460 19.84 -12.92 14.78
CA GLY A 460 20.68 -12.43 13.69
C GLY A 460 20.63 -10.91 13.71
N GLU A 461 21.49 -10.27 12.93
CA GLU A 461 21.61 -8.82 12.99
C GLU A 461 20.30 -8.10 12.67
N TYR A 462 19.54 -8.62 11.70
CA TYR A 462 18.24 -8.05 11.38
C TYR A 462 17.16 -8.54 12.35
N LEU A 463 17.07 -9.85 12.57
CA LEU A 463 16.04 -10.39 13.46
C LEU A 463 16.07 -9.76 14.85
N ASP A 464 17.27 -9.45 15.34
CA ASP A 464 17.42 -8.83 16.66
C ASP A 464 16.84 -7.41 16.76
N LEU A 465 16.58 -6.78 15.61
CA LEU A 465 15.99 -5.43 15.58
C LEU A 465 14.47 -5.42 15.68
N LEU A 466 13.85 -6.59 15.55
CA LEU A 466 12.38 -6.65 15.45
C LEU A 466 11.70 -6.29 16.77
N PRO A 467 10.52 -5.64 16.68
CA PRO A 467 9.79 -5.15 17.85
C PRO A 467 9.18 -6.25 18.74
N GLY A 468 8.99 -7.45 18.21
CA GLY A 468 8.46 -8.57 19.00
C GLY A 468 9.23 -8.83 20.28
N TRP A 469 10.55 -8.63 20.23
CA TRP A 469 11.41 -8.77 21.40
C TRP A 469 11.08 -7.76 22.51
N LYS A 470 10.58 -6.58 22.12
CA LYS A 470 10.35 -5.45 23.03
C LYS A 470 8.92 -5.41 23.60
N ARG A 471 8.01 -6.20 23.07
CA ARG A 471 6.60 -6.11 23.46
C ARG A 471 6.43 -6.51 24.92
N LYS A 472 5.54 -5.79 25.61
CA LYS A 472 5.25 -6.06 27.02
C LYS A 472 3.83 -5.66 27.37
N PRO A 473 3.27 -6.23 28.45
CA PRO A 473 1.90 -5.90 28.82
C PRO A 473 1.69 -4.41 29.01
N GLY A 474 0.55 -3.91 28.58
CA GLY A 474 0.20 -2.49 28.74
C GLY A 474 0.83 -1.56 27.71
N ASP A 475 1.44 -2.09 26.66
CA ASP A 475 2.10 -1.25 25.65
C ASP A 475 1.21 -0.88 24.46
N VAL A 476 -0.06 -1.28 24.50
CA VAL A 476 -1.02 -0.92 23.47
C VAL A 476 -1.95 0.20 23.94
N ASP A 477 -2.09 1.22 23.09
CA ASP A 477 -3.06 2.29 23.30
C ASP A 477 -4.40 1.79 22.78
N VAL A 478 -5.18 1.19 23.67
CA VAL A 478 -6.48 0.62 23.32
C VAL A 478 -7.54 1.70 23.11
N GLU A 479 -7.35 2.87 23.73
CA GLU A 479 -8.24 4.00 23.47
C GLU A 479 -8.33 4.30 21.98
N TRP A 480 -7.22 4.13 21.26
CA TRP A 480 -7.22 4.28 19.80
C TRP A 480 -8.20 3.30 19.18
N PHE A 481 -8.12 2.03 19.56
CA PHE A 481 -9.01 1.00 19.00
C PHE A 481 -10.48 1.21 19.40
N LYS A 482 -10.71 1.88 20.53
CA LYS A 482 -12.06 2.23 20.99
C LYS A 482 -12.72 3.31 20.13
N ARG A 483 -11.92 4.07 19.38
CA ARG A 483 -12.45 5.11 18.52
C ARG A 483 -13.46 4.52 17.54
N THR A 484 -14.58 5.20 17.37
CA THR A 484 -15.61 4.78 16.42
C THR A 484 -15.68 5.69 15.19
N ASP A 485 -14.86 6.73 15.15
CA ASP A 485 -14.86 7.68 14.02
C ASP A 485 -13.97 7.20 12.87
N ILE A 486 -13.18 6.16 13.14
CA ILE A 486 -12.42 5.45 12.12
C ILE A 486 -12.66 3.96 12.30
N PRO A 487 -12.55 3.18 11.21
CA PRO A 487 -12.59 1.72 11.32
C PRO A 487 -11.27 1.21 11.86
N HIS A 488 -11.18 -0.09 12.12
CA HIS A 488 -9.95 -0.69 12.64
C HIS A 488 -9.66 -2.05 12.05
N ARG A 489 -8.39 -2.43 12.12
CA ARG A 489 -7.96 -3.78 11.80
C ARG A 489 -8.17 -4.69 13.02
N ALA A 490 -8.46 -5.95 12.76
CA ALA A 490 -8.75 -6.92 13.82
C ALA A 490 -7.46 -7.52 14.39
N ASN A 491 -6.61 -6.68 14.96
CA ASN A 491 -5.33 -7.13 15.50
C ASN A 491 -5.51 -7.93 16.79
N ALA A 492 -4.65 -8.91 16.99
CA ALA A 492 -4.78 -9.87 18.09
C ALA A 492 -4.67 -9.21 19.48
N ASP A 493 -3.95 -8.08 19.55
CA ASP A 493 -3.73 -7.39 20.82
C ASP A 493 -4.49 -6.07 20.93
N ALA A 494 -5.56 -5.92 20.14
CA ALA A 494 -6.35 -4.69 20.13
C ALA A 494 -6.99 -4.44 21.50
N GLY A 495 -7.35 -5.53 22.19
CA GLY A 495 -7.80 -5.46 23.57
C GLY A 495 -9.24 -5.04 23.77
N VAL A 496 -9.93 -4.68 22.69
CA VAL A 496 -11.30 -4.19 22.79
C VAL A 496 -12.13 -4.65 21.59
N GLU A 497 -13.44 -4.37 21.65
CA GLU A 497 -14.34 -4.68 20.53
C GLU A 497 -14.14 -3.70 19.39
N ILE A 498 -14.10 -4.22 18.16
CA ILE A 498 -13.91 -3.42 16.96
C ILE A 498 -15.08 -3.57 16.00
#